data_6JMK
#
_entry.id   6JMK
#
_cell.length_a   54.712
_cell.length_b   58.428
_cell.length_c   126.025
_cell.angle_alpha   90.00
_cell.angle_beta   90.00
_cell.angle_gamma   90.00
#
_symmetry.space_group_name_H-M   'P 21 21 21'
#
loop_
_entity.id
_entity.type
_entity.pdbx_description
1 polymer '30S ribosomal protein S7'
2 non-polymer GLYCEROL
3 non-polymer 1,2-ETHANEDIOL
4 water water
#
_entity_poly.entity_id   1
_entity_poly.type   'polypeptide(L)'
_entity_poly.pdbx_seq_one_letter_code
;SMPRKGPAPKRPLVNDPVYGSQLVTQLVNKVLLKGKKSLAERIVYGALEQARDKTGTDPVITLKRALDNVKPALEVRSRR
VGGATYQVPVEVRPDRSTTLALRWLVGYSRQRREKTMIERLANEILDASNGLGASVKRREDTHKMAEANRAFAHYRW
;
_entity_poly.pdbx_strand_id   A,B
#
# COMPACT_ATOMS: atom_id res chain seq x y z
N PRO A 12 -21.67 -5.23 10.28
CA PRO A 12 -20.88 -6.45 9.94
C PRO A 12 -21.65 -7.26 8.90
N LEU A 13 -21.08 -7.41 7.71
CA LEU A 13 -21.57 -8.39 6.72
C LEU A 13 -20.89 -9.73 7.06
N VAL A 14 -21.36 -10.82 6.44
CA VAL A 14 -20.80 -12.18 6.71
C VAL A 14 -19.38 -12.39 6.17
N ASN A 15 -18.61 -13.18 6.92
CA ASN A 15 -17.36 -13.79 6.43
C ASN A 15 -17.74 -14.67 5.20
N ASP A 16 -17.04 -14.52 4.08
CA ASP A 16 -17.41 -15.31 2.92
C ASP A 16 -17.13 -16.79 3.27
N PRO A 17 -17.91 -17.70 2.68
CA PRO A 17 -17.80 -19.17 3.01
C PRO A 17 -16.53 -19.89 2.54
N VAL A 18 -15.78 -19.26 1.62
CA VAL A 18 -14.62 -19.88 1.04
C VAL A 18 -13.44 -19.44 1.86
N TYR A 19 -13.21 -18.11 1.95
CA TYR A 19 -11.95 -17.63 2.57
C TYR A 19 -12.13 -17.08 3.98
N GLY A 20 -13.38 -17.02 4.46
CA GLY A 20 -13.68 -16.54 5.79
C GLY A 20 -13.44 -15.03 5.91
N SER A 21 -13.67 -14.31 4.83
CA SER A 21 -13.27 -12.90 4.73
C SER A 21 -14.49 -11.98 4.57
N GLN A 22 -14.57 -10.87 5.37
CA GLN A 22 -15.60 -9.88 5.11
C GLN A 22 -15.24 -9.01 3.92
N LEU A 23 -13.96 -8.88 3.59
CA LEU A 23 -13.55 -8.08 2.42
C LEU A 23 -14.03 -8.75 1.15
N VAL A 24 -13.96 -10.11 1.09
CA VAL A 24 -14.43 -10.82 -0.07
C VAL A 24 -15.93 -10.61 -0.28
N THR A 25 -16.70 -10.68 0.79
CA THR A 25 -18.11 -10.43 0.73
C THR A 25 -18.44 -9.06 0.18
N GLN A 26 -17.73 -8.05 0.68
N GLN A 26 -17.75 -8.02 0.66
CA GLN A 26 -17.92 -6.68 0.20
CA GLN A 26 -18.01 -6.66 0.14
C GLN A 26 -17.62 -6.53 -1.29
C GLN A 26 -17.63 -6.53 -1.34
N LEU A 27 -16.55 -7.18 -1.76
CA LEU A 27 -16.17 -7.15 -3.18
C LEU A 27 -17.27 -7.72 -4.09
N VAL A 28 -17.74 -8.90 -3.68
CA VAL A 28 -18.84 -9.49 -4.37
C VAL A 28 -19.99 -8.48 -4.52
N ASN A 29 -20.33 -7.85 -3.42
CA ASN A 29 -21.40 -6.81 -3.45
C ASN A 29 -21.11 -5.59 -4.35
N LYS A 30 -19.86 -5.16 -4.41
CA LYS A 30 -19.49 -4.11 -5.35
C LYS A 30 -19.51 -4.53 -6.77
N VAL A 31 -19.32 -5.82 -7.04
CA VAL A 31 -19.33 -6.25 -8.44
C VAL A 31 -20.74 -6.47 -8.94
N LEU A 32 -21.64 -6.80 -8.03
CA LEU A 32 -23.03 -7.14 -8.34
C LEU A 32 -23.77 -5.96 -8.93
N LEU A 33 -24.14 -6.08 -10.21
CA LEU A 33 -25.08 -5.14 -10.86
C LEU A 33 -26.42 -5.86 -10.99
N LYS A 34 -27.51 -5.12 -10.76
CA LYS A 34 -28.89 -5.57 -11.05
C LYS A 34 -29.16 -7.06 -10.77
N GLY A 35 -28.92 -7.51 -9.53
CA GLY A 35 -29.43 -8.81 -9.06
C GLY A 35 -28.59 -10.10 -9.01
N LYS A 36 -27.89 -10.51 -10.09
CA LYS A 36 -27.41 -11.95 -10.17
C LYS A 36 -26.15 -12.29 -9.35
N LYS A 37 -26.39 -12.67 -8.11
CA LYS A 37 -25.35 -12.95 -7.13
C LYS A 37 -24.34 -13.99 -7.65
N SER A 38 -24.84 -14.95 -8.43
CA SER A 38 -24.05 -16.05 -8.91
C SER A 38 -22.97 -15.57 -9.81
N LEU A 39 -23.36 -14.64 -10.69
CA LEU A 39 -22.48 -14.06 -11.68
C LEU A 39 -21.38 -13.21 -10.97
N ALA A 40 -21.77 -12.40 -10.00
CA ALA A 40 -20.77 -11.60 -9.21
C ALA A 40 -19.82 -12.53 -8.46
N GLU A 41 -20.34 -13.62 -7.89
CA GLU A 41 -19.47 -14.59 -7.22
C GLU A 41 -18.49 -15.19 -8.15
N ARG A 42 -18.93 -15.61 -9.34
CA ARG A 42 -18.06 -16.17 -10.33
C ARG A 42 -16.93 -15.20 -10.74
N ILE A 43 -17.31 -13.95 -10.94
CA ILE A 43 -16.31 -12.88 -11.24
C ILE A 43 -15.28 -12.76 -10.13
N VAL A 44 -15.73 -12.65 -8.90
CA VAL A 44 -14.77 -12.47 -7.79
C VAL A 44 -13.96 -13.62 -7.37
N TYR A 45 -14.61 -14.81 -7.28
CA TYR A 45 -13.78 -15.97 -6.99
C TYR A 45 -12.88 -16.31 -8.16
N GLY A 46 -13.36 -16.11 -9.37
CA GLY A 46 -12.56 -16.27 -10.55
C GLY A 46 -11.32 -15.38 -10.59
N ALA A 47 -11.58 -14.12 -10.25
CA ALA A 47 -10.49 -13.11 -10.21
C ALA A 47 -9.45 -13.48 -9.16
N LEU A 48 -9.93 -13.95 -7.98
CA LEU A 48 -9.04 -14.34 -6.92
C LEU A 48 -8.21 -15.58 -7.26
N GLU A 49 -8.85 -16.57 -7.96
CA GLU A 49 -8.12 -17.73 -8.41
C GLU A 49 -7.07 -17.39 -9.45
N GLN A 50 -7.37 -16.44 -10.34
CA GLN A 50 -6.36 -15.95 -11.27
C GLN A 50 -5.19 -15.30 -10.57
N ALA A 51 -5.47 -14.53 -9.53
CA ALA A 51 -4.39 -13.98 -8.69
C ALA A 51 -3.52 -15.03 -8.06
N ARG A 52 -4.18 -16.03 -7.46
CA ARG A 52 -3.45 -17.19 -6.96
C ARG A 52 -2.52 -17.89 -8.01
N ASP A 53 -3.07 -18.13 -9.19
CA ASP A 53 -2.31 -18.73 -10.30
C ASP A 53 -1.10 -17.89 -10.63
N LYS A 54 -1.23 -16.54 -10.58
CA LYS A 54 -0.13 -15.66 -10.91
C LYS A 54 0.95 -15.63 -9.88
N THR A 55 0.59 -15.54 -8.63
CA THR A 55 1.54 -15.33 -7.59
C THR A 55 1.93 -16.60 -6.85
N GLY A 56 1.03 -17.54 -6.84
CA GLY A 56 1.23 -18.75 -6.03
C GLY A 56 1.08 -18.52 -4.56
N THR A 57 0.44 -17.42 -4.18
CA THR A 57 0.16 -17.15 -2.80
C THR A 57 -1.35 -16.86 -2.59
N ASP A 58 -1.70 -16.86 -1.34
CA ASP A 58 -3.07 -16.67 -0.88
C ASP A 58 -3.67 -15.39 -1.44
N PRO A 59 -4.77 -15.51 -2.18
CA PRO A 59 -5.22 -14.32 -2.90
C PRO A 59 -5.95 -13.32 -2.00
N VAL A 60 -6.36 -13.71 -0.80
CA VAL A 60 -6.94 -12.72 0.11
C VAL A 60 -5.81 -11.84 0.66
N ILE A 61 -4.60 -12.35 0.78
CA ILE A 61 -3.41 -11.56 1.12
C ILE A 61 -3.09 -10.55 -0.05
N THR A 62 -3.15 -11.02 -1.29
CA THR A 62 -3.03 -10.20 -2.50
C THR A 62 -4.11 -9.09 -2.51
N LEU A 63 -5.31 -9.45 -2.24
CA LEU A 63 -6.38 -8.50 -2.18
C LEU A 63 -6.10 -7.46 -1.08
N LYS A 64 -5.68 -7.88 0.12
CA LYS A 64 -5.31 -6.88 1.15
C LYS A 64 -4.16 -5.96 0.76
N ARG A 65 -3.15 -6.50 0.06
CA ARG A 65 -2.07 -5.71 -0.43
C ARG A 65 -2.63 -4.64 -1.41
N ALA A 66 -3.59 -5.01 -2.22
CA ALA A 66 -4.16 -4.07 -3.18
C ALA A 66 -4.90 -3.01 -2.37
N LEU A 67 -5.72 -3.43 -1.44
CA LEU A 67 -6.45 -2.46 -0.62
C LEU A 67 -5.54 -1.48 0.14
N ASP A 68 -4.39 -1.96 0.65
CA ASP A 68 -3.38 -1.08 1.31
C ASP A 68 -2.96 0.06 0.44
N ASN A 69 -2.81 -0.16 -0.86
CA ASN A 69 -2.30 0.77 -1.85
C ASN A 69 -3.38 1.73 -2.37
N VAL A 70 -4.63 1.33 -2.17
CA VAL A 70 -5.83 2.01 -2.79
C VAL A 70 -6.70 2.73 -1.69
N LYS A 71 -6.69 2.30 -0.44
CA LYS A 71 -7.49 2.97 0.57
C LYS A 71 -6.96 4.39 0.84
N PRO A 72 -7.84 5.36 0.82
CA PRO A 72 -7.49 6.76 1.23
C PRO A 72 -7.59 6.95 2.69
N ALA A 73 -6.61 7.65 3.26
CA ALA A 73 -6.54 8.07 4.64
C ALA A 73 -7.12 9.50 4.86
N LEU A 74 -7.05 10.35 3.85
CA LEU A 74 -7.55 11.75 3.87
C LEU A 74 -8.26 11.99 2.57
N GLU A 75 -9.27 12.92 2.59
CA GLU A 75 -9.92 13.29 1.38
C GLU A 75 -10.49 14.73 1.68
N VAL A 76 -10.97 15.39 0.66
CA VAL A 76 -11.72 16.63 0.91
C VAL A 76 -13.23 16.27 0.86
N ARG A 77 -13.97 16.99 1.68
CA ARG A 77 -15.45 16.82 1.67
C ARG A 77 -16.04 18.23 1.74
N SER A 78 -17.17 18.36 1.05
CA SER A 78 -17.88 19.64 0.99
C SER A 78 -18.47 19.92 2.36
N ARG A 79 -18.35 21.20 2.79
CA ARG A 79 -18.86 21.64 4.05
C ARG A 79 -19.37 23.06 3.86
N ARG A 80 -20.53 23.34 4.44
CA ARG A 80 -20.97 24.78 4.56
C ARG A 80 -20.33 25.49 5.69
N VAL A 81 -19.71 26.66 5.43
CA VAL A 81 -19.10 27.46 6.45
C VAL A 81 -19.48 28.92 6.20
N GLY A 82 -20.23 29.50 7.14
CA GLY A 82 -20.62 30.91 6.97
C GLY A 82 -21.46 31.18 5.79
N GLY A 83 -22.24 30.18 5.35
CA GLY A 83 -23.03 30.39 4.12
C GLY A 83 -22.42 30.25 2.79
N ALA A 84 -21.19 29.70 2.74
CA ALA A 84 -20.54 29.33 1.48
C ALA A 84 -20.02 27.89 1.61
N THR A 85 -19.64 27.29 0.45
CA THR A 85 -19.26 25.87 0.44
C THR A 85 -17.74 25.77 0.20
N TYR A 86 -17.12 24.93 0.98
CA TYR A 86 -15.68 24.74 0.92
C TYR A 86 -15.45 23.23 0.91
N GLN A 87 -14.34 22.84 0.32
N GLN A 87 -14.32 22.88 0.27
CA GLN A 87 -14.00 21.40 0.34
CA GLN A 87 -13.79 21.48 0.19
C GLN A 87 -12.81 21.27 1.26
C GLN A 87 -12.74 21.33 1.29
N VAL A 88 -13.07 20.73 2.42
CA VAL A 88 -12.18 20.75 3.57
C VAL A 88 -11.55 19.38 3.73
N PRO A 89 -10.26 19.33 4.12
CA PRO A 89 -9.67 17.99 4.28
C PRO A 89 -10.16 17.29 5.53
N VAL A 90 -10.48 16.01 5.47
CA VAL A 90 -10.92 15.23 6.61
C VAL A 90 -10.28 13.84 6.58
N GLU A 91 -10.13 13.30 7.76
CA GLU A 91 -9.77 11.86 7.90
C GLU A 91 -10.87 11.01 7.27
N VAL A 92 -10.48 9.90 6.62
CA VAL A 92 -11.44 8.96 6.15
C VAL A 92 -11.55 7.79 7.12
N ARG A 93 -12.77 7.53 7.58
CA ARG A 93 -13.01 6.50 8.58
C ARG A 93 -12.75 5.12 7.90
N PRO A 94 -12.25 4.13 8.66
CA PRO A 94 -11.76 2.85 7.98
C PRO A 94 -12.85 2.14 7.14
N ASP A 95 -14.10 2.12 7.56
CA ASP A 95 -15.19 1.63 6.71
C ASP A 95 -15.40 2.28 5.36
N ARG A 96 -15.51 3.60 5.34
CA ARG A 96 -15.58 4.31 4.14
C ARG A 96 -14.32 4.11 3.23
N SER A 97 -13.17 4.12 3.87
CA SER A 97 -11.85 4.02 3.16
C SER A 97 -11.84 2.65 2.35
N THR A 98 -12.30 1.60 3.00
CA THR A 98 -12.42 0.28 2.38
C THR A 98 -13.44 0.26 1.24
N THR A 99 -14.64 0.86 1.44
CA THR A 99 -15.66 0.99 0.46
C THR A 99 -15.18 1.69 -0.76
N LEU A 100 -14.53 2.84 -0.55
CA LEU A 100 -14.04 3.54 -1.67
C LEU A 100 -13.03 2.72 -2.47
N ALA A 101 -12.11 2.11 -1.77
CA ALA A 101 -11.01 1.34 -2.46
C ALA A 101 -11.59 0.20 -3.30
N LEU A 102 -12.60 -0.47 -2.75
CA LEU A 102 -13.33 -1.51 -3.53
C LEU A 102 -14.06 -0.97 -4.75
N ARG A 103 -14.77 0.16 -4.59
CA ARG A 103 -15.40 0.87 -5.69
C ARG A 103 -14.44 1.29 -6.81
N TRP A 104 -13.27 1.74 -6.40
CA TRP A 104 -12.25 2.09 -7.38
C TRP A 104 -11.66 0.85 -8.11
N LEU A 105 -11.26 -0.20 -7.38
CA LEU A 105 -10.71 -1.40 -7.96
C LEU A 105 -11.73 -1.90 -9.02
N VAL A 106 -13.00 -2.00 -8.63
CA VAL A 106 -14.01 -2.49 -9.58
C VAL A 106 -14.17 -1.57 -10.77
N GLY A 107 -14.39 -0.29 -10.48
CA GLY A 107 -14.60 0.72 -11.52
C GLY A 107 -13.55 0.86 -12.56
N TYR A 108 -12.29 0.93 -12.10
CA TYR A 108 -11.19 1.01 -13.00
C TYR A 108 -10.92 -0.29 -13.74
N SER A 109 -11.22 -1.43 -13.12
CA SER A 109 -11.00 -2.68 -13.81
C SER A 109 -11.88 -2.72 -15.10
N ARG A 110 -13.06 -2.08 -15.05
CA ARG A 110 -13.94 -2.09 -16.20
C ARG A 110 -13.37 -1.40 -17.48
N GLN A 111 -12.31 -0.55 -17.36
CA GLN A 111 -11.68 0.11 -18.49
C GLN A 111 -10.41 -0.56 -18.91
N ARG A 112 -10.09 -1.72 -18.31
CA ARG A 112 -8.91 -2.45 -18.77
C ARG A 112 -9.09 -3.13 -20.13
N ARG A 113 -7.99 -3.57 -20.68
CA ARG A 113 -7.91 -4.23 -22.01
C ARG A 113 -8.10 -5.72 -22.01
N GLU A 114 -8.04 -6.41 -20.87
CA GLU A 114 -8.17 -7.86 -20.92
C GLU A 114 -9.59 -8.23 -21.37
N LYS A 115 -9.71 -9.47 -21.90
CA LYS A 115 -10.94 -9.92 -22.57
C LYS A 115 -12.17 -10.11 -21.68
N THR A 116 -11.97 -10.70 -20.50
CA THR A 116 -13.08 -11.01 -19.56
C THR A 116 -12.98 -10.17 -18.28
N MET A 117 -14.11 -10.00 -17.61
CA MET A 117 -14.21 -9.28 -16.33
C MET A 117 -13.42 -9.96 -15.24
N ILE A 118 -13.44 -11.30 -15.21
CA ILE A 118 -12.50 -12.04 -14.35
C ILE A 118 -11.06 -11.57 -14.51
N GLU A 119 -10.57 -11.50 -15.72
CA GLU A 119 -9.19 -11.20 -15.97
C GLU A 119 -8.91 -9.69 -15.68
N ARG A 120 -9.86 -8.84 -16.01
CA ARG A 120 -9.69 -7.37 -15.77
C ARG A 120 -9.67 -7.06 -14.27
N LEU A 121 -10.55 -7.64 -13.49
CA LEU A 121 -10.54 -7.48 -12.03
C LEU A 121 -9.33 -8.10 -11.42
N ALA A 122 -8.96 -9.33 -11.83
CA ALA A 122 -7.74 -9.91 -11.33
C ALA A 122 -6.50 -9.03 -11.54
N ASN A 123 -6.36 -8.52 -12.77
CA ASN A 123 -5.18 -7.75 -13.12
C ASN A 123 -5.17 -6.33 -12.47
N GLU A 124 -6.33 -5.70 -12.29
CA GLU A 124 -6.40 -4.50 -11.45
C GLU A 124 -5.95 -4.75 -10.00
N ILE A 125 -6.40 -5.87 -9.42
CA ILE A 125 -6.02 -6.23 -8.08
C ILE A 125 -4.50 -6.47 -8.04
N LEU A 126 -4.01 -7.24 -8.96
CA LEU A 126 -2.56 -7.57 -8.98
C LEU A 126 -1.71 -6.31 -9.14
N ASP A 127 -2.10 -5.49 -10.08
CA ASP A 127 -1.35 -4.23 -10.29
C ASP A 127 -1.42 -3.34 -9.07
N ALA A 128 -2.61 -3.18 -8.46
CA ALA A 128 -2.71 -2.43 -7.26
C ALA A 128 -1.88 -2.95 -6.10
N SER A 129 -1.82 -4.27 -6.00
CA SER A 129 -0.95 -4.91 -4.94
C SER A 129 0.51 -4.60 -5.14
N ASN A 130 0.94 -4.14 -6.32
CA ASN A 130 2.28 -3.76 -6.66
C ASN A 130 2.44 -2.25 -6.72
N GLY A 131 1.41 -1.48 -6.34
CA GLY A 131 1.50 0.01 -6.34
C GLY A 131 1.38 0.59 -7.74
N LEU A 132 0.71 -0.13 -8.69
CA LEU A 132 0.56 0.33 -10.08
C LEU A 132 -0.95 0.43 -10.39
N GLY A 133 -1.21 1.29 -11.37
CA GLY A 133 -2.53 1.36 -12.03
C GLY A 133 -3.35 2.51 -11.55
N ALA A 134 -4.59 2.56 -12.10
CA ALA A 134 -5.44 3.68 -11.89
C ALA A 134 -6.09 3.81 -10.54
N SER A 135 -6.39 2.67 -9.88
CA SER A 135 -6.91 2.68 -8.56
C SER A 135 -5.92 3.35 -7.58
N VAL A 136 -4.62 2.94 -7.73
CA VAL A 136 -3.55 3.49 -6.90
C VAL A 136 -3.39 4.97 -7.20
N LYS A 137 -3.42 5.34 -8.45
CA LYS A 137 -3.32 6.77 -8.84
C LYS A 137 -4.49 7.57 -8.22
N ARG A 138 -5.68 6.98 -8.22
CA ARG A 138 -6.87 7.67 -7.60
C ARG A 138 -6.63 7.95 -6.10
N ARG A 139 -6.05 6.98 -5.34
CA ARG A 139 -5.67 7.19 -3.94
C ARG A 139 -4.71 8.39 -3.85
N GLU A 140 -3.66 8.34 -4.66
CA GLU A 140 -2.63 9.34 -4.67
C GLU A 140 -3.23 10.71 -4.94
N ASP A 141 -4.14 10.76 -5.94
CA ASP A 141 -4.74 12.03 -6.28
C ASP A 141 -5.70 12.56 -5.14
N THR A 142 -6.36 11.64 -4.45
CA THR A 142 -7.22 11.96 -3.30
C THR A 142 -6.43 12.60 -2.18
N HIS A 143 -5.26 12.00 -1.90
CA HIS A 143 -4.37 12.53 -0.87
C HIS A 143 -3.82 13.90 -1.29
N LYS A 144 -3.50 14.03 -2.56
CA LYS A 144 -2.95 15.28 -3.09
C LYS A 144 -3.92 16.44 -2.95
N MET A 145 -5.17 16.16 -3.27
CA MET A 145 -6.19 17.18 -3.03
C MET A 145 -6.38 17.53 -1.60
N ALA A 146 -6.32 16.59 -0.67
CA ALA A 146 -6.38 16.84 0.72
C ALA A 146 -5.26 17.75 1.23
N GLU A 147 -4.07 17.52 0.69
CA GLU A 147 -2.96 18.36 1.00
C GLU A 147 -3.10 19.73 0.38
N ALA A 148 -3.58 19.86 -0.83
CA ALA A 148 -3.68 21.17 -1.49
C ALA A 148 -4.69 22.05 -0.83
N ASN A 149 -5.67 21.44 -0.19
CA ASN A 149 -6.80 22.20 0.38
C ASN A 149 -6.64 22.50 1.87
N ARG A 150 -5.44 22.25 2.43
CA ARG A 150 -5.16 22.70 3.77
C ARG A 150 -5.15 24.27 3.62
N ALA A 151 -5.89 24.91 4.46
CA ALA A 151 -6.01 26.41 4.34
C ALA A 151 -4.67 27.13 4.67
N PHE A 152 -3.96 26.63 5.66
CA PHE A 152 -2.78 27.39 6.20
C PHE A 152 -1.52 26.50 6.18
N ALA A 153 -0.36 27.13 6.02
CA ALA A 153 0.97 26.47 6.07
C ALA A 153 1.57 26.49 7.49
N LEU B 13 18.19 -14.97 6.00
CA LEU B 13 18.05 -14.16 7.26
C LEU B 13 17.28 -14.96 8.31
N VAL B 14 17.85 -15.00 9.51
CA VAL B 14 17.22 -15.59 10.70
C VAL B 14 15.96 -14.85 11.02
N ASN B 15 14.90 -15.56 11.41
CA ASN B 15 13.78 -14.91 12.05
C ASN B 15 14.23 -14.22 13.35
N ASP B 16 13.65 -13.06 13.61
CA ASP B 16 14.08 -12.32 14.77
C ASP B 16 13.43 -13.06 15.96
N PRO B 17 14.11 -12.99 17.11
CA PRO B 17 13.68 -13.71 18.31
C PRO B 17 12.33 -13.34 18.83
N VAL B 18 11.93 -12.07 18.70
CA VAL B 18 10.69 -11.55 19.29
C VAL B 18 9.47 -11.85 18.45
N TYR B 19 9.48 -11.45 17.15
CA TYR B 19 8.29 -11.72 16.31
C TYR B 19 8.42 -12.94 15.41
N GLY B 20 9.64 -13.54 15.30
CA GLY B 20 9.87 -14.68 14.41
C GLY B 20 9.61 -14.21 12.96
N SER B 21 10.23 -13.08 12.61
CA SER B 21 10.00 -12.40 11.30
C SER B 21 11.32 -12.04 10.71
N GLN B 22 11.57 -12.50 9.45
CA GLN B 22 12.83 -12.15 8.81
C GLN B 22 12.71 -10.67 8.36
N LEU B 23 11.51 -10.18 8.19
CA LEU B 23 11.34 -8.72 7.88
C LEU B 23 11.92 -7.88 9.03
N VAL B 24 11.62 -8.28 10.29
CA VAL B 24 12.08 -7.54 11.43
C VAL B 24 13.57 -7.59 11.55
N THR B 25 14.14 -8.80 11.28
CA THR B 25 15.58 -8.89 11.30
C THR B 25 16.22 -7.93 10.31
N GLN B 26 15.64 -7.88 9.10
CA GLN B 26 16.19 -6.92 8.10
C GLN B 26 16.06 -5.49 8.52
N LEU B 27 14.94 -5.13 9.13
CA LEU B 27 14.81 -3.77 9.63
C LEU B 27 15.85 -3.39 10.73
N VAL B 28 16.06 -4.33 11.64
CA VAL B 28 17.19 -4.18 12.62
C VAL B 28 18.51 -3.91 11.90
N ASN B 29 18.80 -4.72 10.88
CA ASN B 29 20.06 -4.54 10.11
C ASN B 29 20.18 -3.22 9.38
N LYS B 30 19.04 -2.64 9.01
CA LYS B 30 19.09 -1.35 8.40
C LYS B 30 19.25 -0.22 9.36
N VAL B 31 18.86 -0.41 10.62
CA VAL B 31 19.01 0.66 11.62
C VAL B 31 20.42 0.61 12.24
N LEU B 32 21.00 -0.59 12.25
CA LEU B 32 22.30 -0.84 12.86
C LEU B 32 23.34 0.11 12.22
N LEU B 33 23.97 0.98 13.02
CA LEU B 33 25.17 1.76 12.59
C LEU B 33 26.32 1.55 13.58
N LYS B 34 27.53 1.30 13.03
CA LYS B 34 28.73 1.07 13.85
C LYS B 34 28.58 -0.08 14.83
N GLY B 35 28.05 -1.21 14.34
CA GLY B 35 27.97 -2.46 15.10
C GLY B 35 27.13 -2.51 16.38
N LYS B 36 26.45 -1.43 16.79
CA LYS B 36 25.84 -1.42 18.13
C LYS B 36 24.46 -2.12 18.10
N LYS B 37 24.47 -3.45 17.96
CA LYS B 37 23.23 -4.21 17.61
C LYS B 37 22.11 -4.13 18.63
N SER B 38 22.43 -4.18 19.92
CA SER B 38 21.35 -4.14 20.91
C SER B 38 20.70 -2.75 20.93
N LEU B 39 21.43 -1.69 20.59
CA LEU B 39 20.79 -0.37 20.49
C LEU B 39 19.81 -0.43 19.30
N ALA B 40 20.29 -0.99 18.19
CA ALA B 40 19.41 -1.10 17.00
C ALA B 40 18.13 -1.88 17.33
N GLU B 41 18.28 -2.97 18.08
CA GLU B 41 17.10 -3.71 18.49
C GLU B 41 16.21 -2.97 19.47
N ARG B 42 16.77 -2.20 20.42
CA ARG B 42 15.91 -1.30 21.24
C ARG B 42 15.08 -0.32 20.39
N ILE B 43 15.73 0.26 19.38
CA ILE B 43 15.06 1.21 18.47
C ILE B 43 13.93 0.51 17.70
N VAL B 44 14.22 -0.65 17.09
CA VAL B 44 13.22 -1.31 16.28
C VAL B 44 12.08 -1.87 17.05
N TYR B 45 12.40 -2.56 18.14
CA TYR B 45 11.26 -3.10 18.96
C TYR B 45 10.47 -1.98 19.65
N GLY B 46 11.13 -0.90 20.07
CA GLY B 46 10.47 0.23 20.64
C GLY B 46 9.44 0.79 19.63
N ALA B 47 9.94 0.97 18.43
CA ALA B 47 9.06 1.51 17.36
C ALA B 47 7.84 0.65 17.06
N LEU B 48 8.03 -0.64 16.92
CA LEU B 48 7.01 -1.53 16.59
C LEU B 48 5.98 -1.59 17.73
N GLU B 49 6.49 -1.52 18.96
CA GLU B 49 5.52 -1.52 20.06
C GLU B 49 4.80 -0.20 20.18
N GLN B 50 5.43 0.93 19.78
CA GLN B 50 4.66 2.19 19.67
C GLN B 50 3.56 2.13 18.62
N ALA B 51 3.84 1.48 17.49
CA ALA B 51 2.76 1.24 16.49
C ALA B 51 1.61 0.42 17.03
N ARG B 52 1.92 -0.68 17.76
CA ARG B 52 0.84 -1.41 18.41
C ARG B 52 0.03 -0.55 19.43
N ASP B 53 0.76 0.23 20.23
CA ASP B 53 0.06 1.17 21.17
C ASP B 53 -0.88 2.08 20.41
N LYS B 54 -0.48 2.57 19.23
CA LYS B 54 -1.38 3.44 18.48
C LYS B 54 -2.61 2.78 17.80
N THR B 55 -2.43 1.61 17.24
CA THR B 55 -3.46 0.96 16.46
C THR B 55 -4.19 -0.17 17.19
N GLY B 56 -3.59 -0.68 18.27
CA GLY B 56 -4.07 -1.99 18.77
C GLY B 56 -3.93 -3.20 17.87
N THR B 57 -3.05 -3.18 16.85
CA THR B 57 -2.86 -4.31 15.89
C THR B 57 -1.48 -4.78 15.96
N ASP B 58 -1.31 -6.06 15.63
CA ASP B 58 -0.04 -6.69 15.53
C ASP B 58 0.91 -5.75 14.75
N PRO B 59 2.08 -5.40 15.28
CA PRO B 59 2.86 -4.42 14.54
C PRO B 59 3.61 -4.98 13.35
N VAL B 60 3.74 -6.30 13.23
CA VAL B 60 4.32 -6.91 11.99
C VAL B 60 3.32 -6.73 10.81
N ILE B 61 2.05 -6.78 11.10
CA ILE B 61 1.03 -6.48 10.12
C ILE B 61 1.10 -4.99 9.64
N THR B 62 1.22 -4.08 10.60
CA THR B 62 1.45 -2.67 10.32
C THR B 62 2.70 -2.52 9.49
N LEU B 63 3.83 -3.14 9.85
CA LEU B 63 5.05 -3.02 9.07
C LEU B 63 4.79 -3.53 7.64
N LYS B 64 4.11 -4.67 7.54
CA LYS B 64 3.70 -5.16 6.16
C LYS B 64 2.83 -4.15 5.37
N ARG B 65 1.81 -3.55 5.95
CA ARG B 65 1.02 -2.53 5.23
C ARG B 65 1.92 -1.37 4.79
N ALA B 66 2.86 -0.96 5.63
CA ALA B 66 3.80 0.14 5.26
C ALA B 66 4.66 -0.31 4.09
N LEU B 67 5.22 -1.49 4.22
CA LEU B 67 6.05 -2.03 3.10
C LEU B 67 5.22 -2.13 1.79
N ASP B 68 3.98 -2.53 1.87
CA ASP B 68 3.11 -2.57 0.64
C ASP B 68 3.01 -1.25 -0.07
N ASN B 69 3.02 -0.16 0.69
CA ASN B 69 2.88 1.17 0.16
C ASN B 69 4.21 1.77 -0.27
N VAL B 70 5.35 1.17 0.14
CA VAL B 70 6.64 1.72 -0.11
C VAL B 70 7.54 0.86 -1.08
N LYS B 71 7.32 -0.42 -1.18
CA LYS B 71 8.14 -1.25 -2.08
C LYS B 71 7.86 -0.86 -3.55
N PRO B 72 8.90 -0.62 -4.27
CA PRO B 72 8.77 -0.36 -5.71
C PRO B 72 8.69 -1.68 -6.50
N ALA B 73 7.92 -1.65 -7.55
CA ALA B 73 7.82 -2.71 -8.55
C ALA B 73 8.62 -2.50 -9.82
N LEU B 74 8.92 -1.25 -10.13
CA LEU B 74 9.69 -0.82 -11.30
C LEU B 74 10.61 0.28 -10.89
N GLU B 75 11.75 0.41 -11.56
CA GLU B 75 12.65 1.45 -11.30
C GLU B 75 13.56 1.67 -12.53
N VAL B 76 14.24 2.81 -12.56
CA VAL B 76 15.26 3.04 -13.62
C VAL B 76 16.60 2.61 -13.07
N ARG B 77 17.32 1.76 -13.84
CA ARG B 77 18.67 1.38 -13.46
C ARG B 77 19.60 1.54 -14.68
N SER B 78 20.91 1.63 -14.39
CA SER B 78 21.90 1.70 -15.51
C SER B 78 22.06 0.29 -16.11
N ARG B 79 22.16 0.15 -17.43
CA ARG B 79 22.30 -1.16 -18.08
C ARG B 79 23.30 -0.91 -19.22
N ARG B 80 24.17 -1.86 -19.45
CA ARG B 80 25.16 -1.77 -20.57
C ARG B 80 24.53 -2.30 -21.80
N VAL B 81 24.57 -1.51 -22.87
CA VAL B 81 24.10 -1.93 -24.18
C VAL B 81 25.13 -1.55 -25.22
N GLY B 82 25.70 -2.55 -25.88
CA GLY B 82 26.69 -2.25 -26.94
C GLY B 82 27.91 -1.60 -26.44
N GLY B 83 28.24 -1.77 -25.17
CA GLY B 83 29.42 -1.12 -24.65
C GLY B 83 29.30 0.31 -24.22
N ALA B 84 28.06 0.80 -24.03
CA ALA B 84 27.80 2.10 -23.44
C ALA B 84 26.73 1.86 -22.36
N THR B 85 26.46 2.91 -21.57
CA THR B 85 25.54 2.79 -20.40
C THR B 85 24.31 3.60 -20.66
N TYR B 86 23.13 2.98 -20.44
CA TYR B 86 21.85 3.63 -20.64
C TYR B 86 21.01 3.40 -19.39
N GLN B 87 20.06 4.28 -19.22
CA GLN B 87 19.13 4.28 -18.03
C GLN B 87 17.86 3.66 -18.54
N VAL B 88 17.45 2.49 -18.01
CA VAL B 88 16.43 1.69 -18.54
C VAL B 88 15.40 1.37 -17.41
N PRO B 89 14.12 1.33 -17.73
CA PRO B 89 13.18 0.81 -16.69
C PRO B 89 13.22 -0.69 -16.56
N VAL B 90 13.30 -1.19 -15.34
CA VAL B 90 13.43 -2.60 -15.04
C VAL B 90 12.46 -2.99 -13.95
N GLU B 91 11.98 -4.24 -13.97
CA GLU B 91 11.31 -4.76 -12.82
C GLU B 91 12.22 -4.83 -11.60
N VAL B 92 11.66 -4.62 -10.38
CA VAL B 92 12.37 -4.84 -9.17
C VAL B 92 11.99 -6.18 -8.58
N ARG B 93 13.02 -7.00 -8.38
CA ARG B 93 12.90 -8.33 -7.77
C ARG B 93 12.38 -8.20 -6.33
N PRO B 94 11.67 -9.21 -5.83
CA PRO B 94 11.07 -9.02 -4.49
C PRO B 94 12.06 -8.72 -3.36
N ASP B 95 13.27 -9.27 -3.37
CA ASP B 95 14.20 -9.01 -2.28
C ASP B 95 14.74 -7.61 -2.31
N ARG B 96 15.16 -7.17 -3.47
CA ARG B 96 15.57 -5.78 -3.65
C ARG B 96 14.45 -4.79 -3.26
N SER B 97 13.27 -5.11 -3.70
CA SER B 97 12.08 -4.19 -3.47
C SER B 97 11.88 -4.01 -1.92
N THR B 98 11.88 -5.11 -1.18
CA THR B 98 11.89 -5.05 0.30
C THR B 98 13.04 -4.27 0.92
N THR B 99 14.27 -4.58 0.52
CA THR B 99 15.40 -3.84 0.95
C THR B 99 15.34 -2.35 0.74
N LEU B 100 14.93 -1.96 -0.47
CA LEU B 100 14.77 -0.59 -0.77
C LEU B 100 13.72 0.07 0.18
N ALA B 101 12.62 -0.57 0.29
CA ALA B 101 11.55 0.03 1.16
C ALA B 101 11.98 0.21 2.62
N LEU B 102 12.73 -0.76 3.16
CA LEU B 102 13.25 -0.65 4.53
C LEU B 102 14.22 0.46 4.63
N ARG B 103 15.08 0.61 3.58
CA ARG B 103 16.02 1.66 3.56
C ARG B 103 15.35 3.01 3.61
N TRP B 104 14.28 3.12 2.80
CA TRP B 104 13.54 4.37 2.71
C TRP B 104 12.83 4.74 4.02
N LEU B 105 12.19 3.76 4.63
CA LEU B 105 11.48 3.98 5.90
C LEU B 105 12.45 4.48 6.97
N VAL B 106 13.59 3.81 7.07
CA VAL B 106 14.58 4.24 8.03
C VAL B 106 15.12 5.63 7.68
N GLY B 107 15.54 5.85 6.41
CA GLY B 107 16.23 7.07 6.02
C GLY B 107 15.36 8.30 6.21
N TYR B 108 14.11 8.23 5.70
CA TYR B 108 13.26 9.35 5.90
C TYR B 108 12.80 9.58 7.36
N SER B 109 12.70 8.52 8.16
CA SER B 109 12.42 8.67 9.56
C SER B 109 13.44 9.58 10.24
N ARG B 110 14.70 9.63 9.75
CA ARG B 110 15.71 10.52 10.35
C ARG B 110 15.40 11.96 10.24
N GLN B 111 14.52 12.32 9.30
CA GLN B 111 14.20 13.69 9.06
C GLN B 111 12.90 14.14 9.72
N ARG B 112 12.25 13.25 10.44
CA ARG B 112 11.02 13.64 11.14
C ARG B 112 11.20 14.47 12.41
N ARG B 113 10.11 15.08 12.84
CA ARG B 113 10.20 16.06 13.96
C ARG B 113 10.03 15.48 15.33
N GLU B 114 9.62 14.22 15.45
CA GLU B 114 9.46 13.61 16.76
C GLU B 114 10.80 13.51 17.48
N LYS B 115 10.74 13.46 18.82
CA LYS B 115 11.92 13.74 19.64
C LYS B 115 12.88 12.62 19.68
N THR B 116 12.39 11.37 19.65
CA THR B 116 13.33 10.22 19.67
C THR B 116 13.32 9.39 18.40
N MET B 117 14.41 8.64 18.16
CA MET B 117 14.41 7.73 16.98
C MET B 117 13.33 6.66 17.06
N ILE B 118 13.02 6.17 18.27
CA ILE B 118 11.92 5.29 18.38
C ILE B 118 10.62 5.88 17.86
N GLU B 119 10.28 7.10 18.23
CA GLU B 119 8.96 7.67 17.82
C GLU B 119 9.02 8.06 16.31
N ARG B 120 10.17 8.52 15.83
CA ARG B 120 10.32 8.93 14.38
C ARG B 120 10.13 7.68 13.50
N LEU B 121 10.79 6.58 13.83
CA LEU B 121 10.62 5.34 13.08
C LEU B 121 9.19 4.77 13.19
N ALA B 122 8.60 4.79 14.36
CA ALA B 122 7.22 4.35 14.51
C ALA B 122 6.27 5.13 13.66
N ASN B 123 6.44 6.44 13.69
CA ASN B 123 5.45 7.30 13.01
C ASN B 123 5.66 7.30 11.44
N GLU B 124 6.93 7.12 10.98
CA GLU B 124 7.14 6.87 9.54
C GLU B 124 6.45 5.59 9.11
N ILE B 125 6.57 4.53 9.90
CA ILE B 125 5.92 3.27 9.63
C ILE B 125 4.36 3.44 9.63
N LEU B 126 3.87 4.13 10.59
CA LEU B 126 2.45 4.30 10.67
C LEU B 126 1.94 5.18 9.50
N ASP B 127 2.64 6.29 9.23
CA ASP B 127 2.22 7.13 8.08
C ASP B 127 2.21 6.31 6.74
N ALA B 128 3.33 5.55 6.48
CA ALA B 128 3.40 4.72 5.36
C ALA B 128 2.32 3.65 5.23
N SER B 129 1.94 3.07 6.37
CA SER B 129 0.87 2.12 6.39
C SER B 129 -0.48 2.71 6.01
N ASN B 130 -0.61 4.03 6.05
CA ASN B 130 -1.82 4.75 5.64
C ASN B 130 -1.63 5.41 4.28
N GLY B 131 -0.54 5.13 3.51
CA GLY B 131 -0.33 5.77 2.25
C GLY B 131 0.11 7.23 2.36
N LEU B 132 0.82 7.62 3.42
CA LEU B 132 1.25 9.03 3.61
C LEU B 132 2.74 9.07 3.88
N GLY B 133 3.32 10.19 3.56
CA GLY B 133 4.76 10.44 3.95
C GLY B 133 5.73 10.30 2.82
N ALA B 134 7.01 10.54 3.22
CA ALA B 134 8.10 10.60 2.25
C ALA B 134 8.51 9.26 1.67
N SER B 135 8.40 8.20 2.43
CA SER B 135 8.73 6.85 1.95
C SER B 135 7.76 6.45 0.82
N VAL B 136 6.48 6.78 1.04
CA VAL B 136 5.46 6.50 0.05
C VAL B 136 5.67 7.39 -1.16
N LYS B 137 5.94 8.64 -0.95
CA LYS B 137 6.24 9.52 -2.06
C LYS B 137 7.47 9.03 -2.90
N ARG B 138 8.44 8.49 -2.23
CA ARG B 138 9.63 7.96 -2.93
C ARG B 138 9.24 6.81 -3.81
N ARG B 139 8.36 5.92 -3.37
CA ARG B 139 7.88 4.83 -4.24
C ARG B 139 7.18 5.44 -5.47
N GLU B 140 6.25 6.34 -5.20
CA GLU B 140 5.52 6.96 -6.31
C GLU B 140 6.49 7.63 -7.31
N ASP B 141 7.51 8.33 -6.81
CA ASP B 141 8.45 9.03 -7.67
C ASP B 141 9.30 7.98 -8.47
N THR B 142 9.64 6.89 -7.83
CA THR B 142 10.36 5.79 -8.48
C THR B 142 9.58 5.17 -9.70
N HIS B 143 8.29 4.89 -9.45
CA HIS B 143 7.42 4.47 -10.47
C HIS B 143 7.25 5.51 -11.55
N LYS B 144 7.13 6.79 -11.19
CA LYS B 144 6.99 7.83 -12.21
C LYS B 144 8.18 7.96 -13.13
N MET B 145 9.39 7.84 -12.55
CA MET B 145 10.59 7.86 -13.35
C MET B 145 10.64 6.69 -14.31
N ALA B 146 10.25 5.48 -13.88
CA ALA B 146 10.26 4.28 -14.70
C ALA B 146 9.28 4.47 -15.87
N GLU B 147 8.10 5.03 -15.56
CA GLU B 147 7.09 5.23 -16.56
C GLU B 147 7.55 6.29 -17.54
N ALA B 148 8.21 7.36 -17.11
CA ALA B 148 8.68 8.41 -18.02
C ALA B 148 9.72 7.89 -19.01
N ASN B 149 10.60 7.03 -18.54
CA ASN B 149 11.69 6.43 -19.31
C ASN B 149 11.26 5.26 -20.23
N ARG B 150 10.06 4.71 -20.02
CA ARG B 150 9.37 3.76 -20.93
C ARG B 150 8.70 4.55 -22.05
N ALA B 151 8.02 5.64 -21.66
CA ALA B 151 7.38 6.62 -22.56
C ALA B 151 8.40 7.65 -23.02
#